data_1B9V
#
_entry.id   1B9V
#
_cell.length_a   124.702
_cell.length_b   124.702
_cell.length_c   71.573
_cell.angle_alpha   90.00
_cell.angle_beta   90.00
_cell.angle_gamma   90.00
#
_symmetry.space_group_name_H-M   'P 4 21 2'
#
loop_
_entity.id
_entity.type
_entity.pdbx_description
1 polymer 'PROTEIN (NEURAMINIDASE)'
2 non-polymer 2-acetamido-2-deoxy-beta-D-glucopyranose
3 non-polymer 'CALCIUM ION'
4 non-polymer "1-[4-CARBOXY-2-(3-PENTYLAMINO)PHENYL]-5,5'-DI(HYDROXYMETHYL)PYRROLIDIN-2-ONE"
5 water water
#
_entity_poly.entity_id   1
_entity_poly.type   'polypeptide(L)'
_entity_poly.pdbx_seq_one_letter_code
;EPEWTYPRLSCQGSTFQKALLISPHRFGEIKGNSAPLIIREPFVACGPKECRHFALTHYAAQPGGYYNGTRKDRNKLRHL
VSVKLGKIPTVENSIFHMAAWSGSACHDGREWTYIGVDGPDNDALVKIKYGEAYTDTYHSYAHNILRTQESACNCIGGDC
YLMITDGSASGISKCRFLKIREGRIIKEILPTGRVEHTEECTCGFASNKTIECACRDNSYTAKRPFVKLNVETDTAEIRL
MCTKTYLDTPRPDDGSIAGPCESNGDKWLGGIKGGFVHQRMASKIGRWYSRTMSKTNRMGMELYVRYDGDPWTDSDALTL
SGVMVSIEEPGWYSFGFEIKDKKCDVPCIGIEMVHDGGKDTWHSAATAIYCLMGSGQLLWDTVTGVDMAL
;
_entity_poly.pdbx_strand_id   A
#
# COMPACT_ATOMS: atom_id res chain seq x y z
N GLU A 1 -2.82 -0.28 -30.75
CA GLU A 1 -3.43 -0.72 -29.47
C GLU A 1 -2.43 -1.55 -28.67
N PRO A 2 -1.59 -0.90 -27.85
CA PRO A 2 -0.61 -1.64 -27.05
C PRO A 2 -1.32 -2.61 -26.12
N GLU A 3 -1.24 -3.91 -26.45
CA GLU A 3 -1.89 -4.96 -25.68
C GLU A 3 -2.03 -4.69 -24.19
N TRP A 4 -3.06 -5.29 -23.60
CA TRP A 4 -3.35 -5.14 -22.18
C TRP A 4 -2.36 -5.90 -21.30
N THR A 5 -2.18 -5.38 -20.08
CA THR A 5 -1.28 -5.98 -19.10
C THR A 5 -1.94 -7.22 -18.50
N TYR A 6 -1.12 -8.24 -18.23
CA TYR A 6 -1.58 -9.51 -17.65
C TYR A 6 -0.53 -9.97 -16.65
N PRO A 7 -0.94 -10.62 -15.56
CA PRO A 7 0.10 -11.06 -14.61
C PRO A 7 0.96 -12.15 -15.26
N ARG A 8 2.27 -12.09 -15.05
CA ARG A 8 3.17 -13.08 -15.62
C ARG A 8 3.80 -13.91 -14.52
N LEU A 9 4.76 -14.75 -14.90
CA LEU A 9 5.46 -15.54 -13.91
C LEU A 9 6.52 -14.62 -13.33
N SER A 10 6.74 -14.70 -12.03
CA SER A 10 7.76 -13.88 -11.39
C SER A 10 9.11 -14.28 -11.95
N CYS A 11 10.10 -13.39 -11.83
CA CYS A 11 11.42 -13.71 -12.33
C CYS A 11 12.11 -14.60 -11.31
N GLN A 12 13.00 -15.47 -11.79
CA GLN A 12 13.72 -16.38 -10.92
C GLN A 12 14.43 -15.64 -9.79
N GLY A 13 14.36 -16.20 -8.59
CA GLY A 13 14.98 -15.56 -7.45
C GLY A 13 14.48 -16.23 -6.17
N SER A 14 15.13 -15.95 -5.04
CA SER A 14 14.70 -16.57 -3.81
C SER A 14 14.93 -15.72 -2.56
N THR A 15 15.13 -14.43 -2.75
CA THR A 15 15.33 -13.54 -1.60
C THR A 15 15.24 -12.08 -2.01
N PHE A 16 15.04 -11.22 -1.01
CA PHE A 16 14.93 -9.79 -1.22
C PHE A 16 16.20 -9.06 -0.81
N GLN A 17 16.51 -7.96 -1.50
CA GLN A 17 17.67 -7.17 -1.18
C GLN A 17 17.38 -5.67 -1.30
N LYS A 18 18.10 -4.87 -0.52
CA LYS A 18 17.95 -3.42 -0.56
C LYS A 18 18.12 -2.96 -2.00
N ALA A 19 17.11 -2.31 -2.55
CA ALA A 19 17.20 -1.85 -3.91
C ALA A 19 17.44 -0.35 -4.03
N LEU A 20 16.42 0.44 -3.70
CA LEU A 20 16.52 1.88 -3.84
C LEU A 20 15.85 2.63 -2.70
N LEU A 21 16.39 3.81 -2.39
CA LEU A 21 15.85 4.63 -1.33
C LEU A 21 15.71 6.07 -1.79
N ILE A 22 14.48 6.61 -1.65
CA ILE A 22 14.15 7.98 -2.03
C ILE A 22 13.97 8.75 -0.74
N SER A 23 15.00 9.47 -0.32
CA SER A 23 14.96 10.26 0.90
C SER A 23 15.01 11.73 0.49
N PRO A 24 13.89 12.27 0.01
CA PRO A 24 13.83 13.67 -0.43
C PRO A 24 14.23 14.72 0.60
N HIS A 25 14.03 14.43 1.87
CA HIS A 25 14.36 15.41 2.89
C HIS A 25 15.82 15.45 3.29
N ARG A 26 16.64 14.72 2.53
CA ARG A 26 18.06 14.71 2.75
C ARG A 26 18.54 16.00 2.05
N PHE A 27 17.59 16.65 1.39
CA PHE A 27 17.83 17.86 0.62
C PHE A 27 17.02 19.07 1.05
N GLY A 28 16.26 18.95 2.14
CA GLY A 28 15.45 20.07 2.59
C GLY A 28 16.04 20.93 3.70
N GLU A 29 17.35 20.95 3.84
CA GLU A 29 17.95 21.78 4.89
C GLU A 29 17.55 23.23 4.69
N ILE A 30 17.50 23.95 5.80
CA ILE A 30 17.17 25.35 5.79
C ILE A 30 18.30 26.07 5.06
N LYS A 31 19.47 25.44 5.04
CA LYS A 31 20.64 26.01 4.39
C LYS A 31 20.88 25.44 2.99
N GLY A 32 19.98 24.59 2.51
CA GLY A 32 20.12 24.02 1.18
C GLY A 32 19.32 24.84 0.20
N ASN A 33 19.27 24.40 -1.06
CA ASN A 33 18.53 25.14 -2.09
C ASN A 33 17.52 24.25 -2.82
N SER A 34 17.00 23.23 -2.14
CA SER A 34 16.04 22.33 -2.77
C SER A 34 14.62 22.51 -2.20
N ALA A 35 13.63 22.01 -2.93
CA ALA A 35 12.24 22.13 -2.48
C ALA A 35 11.48 20.81 -2.55
N PRO A 36 11.83 19.86 -1.68
CA PRO A 36 11.17 18.55 -1.63
C PRO A 36 9.77 18.65 -1.03
N LEU A 37 8.79 18.13 -1.74
CA LEU A 37 7.41 18.17 -1.29
C LEU A 37 7.18 17.40 0.01
N ILE A 38 6.26 17.91 0.81
CA ILE A 38 5.88 17.30 2.07
C ILE A 38 4.76 16.34 1.71
N ILE A 39 4.95 15.04 1.94
CA ILE A 39 3.94 14.06 1.58
C ILE A 39 3.71 12.96 2.61
N ARG A 40 2.91 11.97 2.21
CA ARG A 40 2.59 10.80 3.03
C ARG A 40 1.84 9.81 2.17
N GLU A 41 1.72 8.57 2.65
CA GLU A 41 1.02 7.52 1.92
C GLU A 41 1.57 7.36 0.51
N PRO A 42 2.89 7.12 0.38
CA PRO A 42 3.53 6.94 -0.92
C PRO A 42 3.39 5.51 -1.40
N PHE A 43 3.57 5.29 -2.69
CA PHE A 43 3.50 3.95 -3.21
C PHE A 43 3.97 3.93 -4.64
N VAL A 44 4.21 2.74 -5.17
CA VAL A 44 4.70 2.64 -6.54
C VAL A 44 3.82 1.75 -7.38
N ALA A 45 3.71 2.11 -8.65
CA ALA A 45 2.93 1.32 -9.61
C ALA A 45 3.77 1.34 -10.87
N CYS A 46 3.81 0.23 -11.59
CA CYS A 46 4.60 0.16 -12.80
C CYS A 46 3.83 -0.20 -14.04
N GLY A 47 4.28 0.34 -15.16
CA GLY A 47 3.67 0.04 -16.43
C GLY A 47 4.67 -0.79 -17.20
N PRO A 48 4.39 -1.08 -18.47
CA PRO A 48 5.35 -1.89 -19.22
C PRO A 48 6.70 -1.20 -19.40
N LYS A 49 6.68 0.12 -19.47
CA LYS A 49 7.92 0.86 -19.70
C LYS A 49 8.47 1.70 -18.56
N GLU A 50 7.70 1.92 -17.51
CA GLU A 50 8.21 2.74 -16.41
C GLU A 50 7.46 2.58 -15.10
N CYS A 51 8.14 2.86 -14.01
CA CYS A 51 7.54 2.78 -12.69
C CYS A 51 7.41 4.20 -12.18
N ARG A 52 6.26 4.52 -11.60
CA ARG A 52 6.02 5.87 -11.07
C ARG A 52 5.85 5.80 -9.56
N HIS A 53 6.34 6.83 -8.88
CA HIS A 53 6.30 6.95 -7.43
C HIS A 53 5.21 7.96 -7.06
N PHE A 54 4.11 7.47 -6.49
CA PHE A 54 2.98 8.32 -6.09
C PHE A 54 2.97 8.63 -4.59
N ALA A 55 2.23 9.68 -4.21
CA ALA A 55 2.11 10.09 -2.82
C ALA A 55 1.03 11.17 -2.69
N LEU A 56 0.69 11.52 -1.45
CA LEU A 56 -0.33 12.53 -1.17
C LEU A 56 0.37 13.72 -0.53
N THR A 57 0.65 14.74 -1.32
CA THR A 57 1.34 15.91 -0.78
C THR A 57 0.40 16.82 -0.03
N HIS A 58 0.94 17.56 0.93
CA HIS A 58 0.14 18.50 1.68
C HIS A 58 0.28 19.86 1.00
N TYR A 59 0.66 19.82 -0.27
CA TYR A 59 0.82 21.02 -1.08
C TYR A 59 1.79 22.05 -0.47
N ALA A 60 2.79 21.56 0.24
CA ALA A 60 3.79 22.41 0.88
C ALA A 60 5.17 21.76 0.70
N ALA A 61 6.23 22.50 1.00
CA ALA A 61 7.57 21.95 0.84
C ALA A 61 8.49 22.29 2.01
N GLN A 62 9.64 21.64 2.02
CA GLN A 62 10.61 21.90 3.07
C GLN A 62 11.90 22.41 2.44
N PRO A 63 12.40 23.58 2.88
CA PRO A 63 11.81 24.43 3.94
C PRO A 63 10.66 25.29 3.43
N GLY A 64 9.65 25.50 4.26
CA GLY A 64 8.52 26.30 3.86
C GLY A 64 7.91 27.02 5.03
N GLY A 65 6.70 27.55 4.85
CA GLY A 65 6.03 28.26 5.92
C GLY A 65 4.66 27.67 6.22
N TYR A 66 4.35 26.53 5.60
CA TYR A 66 3.07 25.85 5.78
C TYR A 66 3.20 24.46 6.43
N TYR A 67 4.00 24.35 7.49
CA TYR A 67 4.18 23.06 8.16
C TYR A 67 2.97 22.68 9.00
N ASN A 68 2.36 23.68 9.65
CA ASN A 68 1.17 23.43 10.47
C ASN A 68 0.08 22.82 9.60
N GLY A 69 -0.41 21.65 9.99
CA GLY A 69 -1.46 20.99 9.21
C GLY A 69 -0.98 19.79 8.42
N THR A 70 0.33 19.69 8.25
CA THR A 70 0.91 18.57 7.51
C THR A 70 0.71 17.27 8.28
N ARG A 71 0.27 17.40 9.53
CA ARG A 71 0.03 16.25 10.40
C ARG A 71 -1.38 15.67 10.16
N LYS A 72 -2.32 16.53 9.81
CA LYS A 72 -3.69 16.10 9.54
C LYS A 72 -3.67 15.27 8.27
N ASP A 73 -4.65 14.38 8.10
CA ASP A 73 -4.69 13.53 6.92
C ASP A 73 -5.68 13.97 5.85
N ARG A 74 -6.55 14.90 6.17
CA ARG A 74 -7.55 15.32 5.20
C ARG A 74 -7.78 16.82 5.20
N ASN A 75 -7.89 17.38 4.00
CA ASN A 75 -8.14 18.81 3.82
C ASN A 75 -8.29 19.12 2.33
N LYS A 76 -8.68 20.35 2.01
CA LYS A 76 -8.90 20.76 0.63
C LYS A 76 -7.64 21.10 -0.17
N LEU A 77 -6.48 20.83 0.42
CA LEU A 77 -5.20 21.13 -0.22
C LEU A 77 -4.45 19.88 -0.72
N ARG A 78 -4.59 18.78 0.01
CA ARG A 78 -3.89 17.55 -0.35
C ARG A 78 -4.12 17.17 -1.80
N HIS A 79 -3.04 16.71 -2.45
CA HIS A 79 -3.11 16.31 -3.85
C HIS A 79 -2.30 15.05 -4.13
N LEU A 80 -2.73 14.31 -5.14
CA LEU A 80 -2.04 13.10 -5.56
C LEU A 80 -1.03 13.57 -6.60
N VAL A 81 0.24 13.27 -6.37
CA VAL A 81 1.32 13.64 -7.26
C VAL A 81 2.16 12.40 -7.57
N SER A 82 3.07 12.50 -8.52
CA SER A 82 3.91 11.36 -8.86
C SER A 82 5.08 11.76 -9.73
N VAL A 83 6.14 10.97 -9.65
CA VAL A 83 7.35 11.20 -10.43
C VAL A 83 7.89 9.87 -10.90
N LYS A 84 8.78 9.89 -11.89
CA LYS A 84 9.37 8.64 -12.34
C LYS A 84 10.15 8.10 -11.16
N LEU A 85 10.03 6.79 -10.90
CA LEU A 85 10.75 6.20 -9.78
C LEU A 85 12.23 6.40 -10.03
N GLY A 86 12.87 7.12 -9.13
CA GLY A 86 14.30 7.39 -9.28
C GLY A 86 14.55 8.88 -9.19
N LYS A 87 13.50 9.66 -9.40
CA LYS A 87 13.59 11.12 -9.33
C LYS A 87 13.11 11.57 -7.98
N ILE A 88 13.79 12.55 -7.41
CA ILE A 88 13.39 13.09 -6.12
C ILE A 88 12.07 13.84 -6.35
N PRO A 89 11.05 13.54 -5.54
CA PRO A 89 9.77 14.24 -5.73
C PRO A 89 9.79 15.64 -5.14
N THR A 90 10.11 16.61 -6.01
CA THR A 90 10.20 18.01 -5.62
C THR A 90 9.12 18.82 -6.32
N VAL A 91 8.98 20.08 -5.92
CA VAL A 91 7.99 20.98 -6.48
C VAL A 91 8.06 21.01 -8.01
N GLU A 92 9.27 21.15 -8.54
CA GLU A 92 9.44 21.21 -9.98
C GLU A 92 9.33 19.87 -10.70
N ASN A 93 9.87 18.83 -10.08
CA ASN A 93 9.86 17.49 -10.67
C ASN A 93 8.51 16.77 -10.67
N SER A 94 7.64 17.13 -9.73
CA SER A 94 6.36 16.47 -9.60
C SER A 94 5.24 16.88 -10.54
N ILE A 95 4.29 15.96 -10.72
CA ILE A 95 3.10 16.21 -11.53
C ILE A 95 1.91 16.05 -10.58
N PHE A 96 1.09 17.09 -10.47
CA PHE A 96 -0.09 17.04 -9.62
C PHE A 96 -1.21 16.45 -10.47
N HIS A 97 -1.71 15.27 -10.11
CA HIS A 97 -2.74 14.61 -10.91
C HIS A 97 -4.16 15.05 -10.59
N MET A 98 -4.48 15.17 -9.31
CA MET A 98 -5.80 15.57 -8.92
C MET A 98 -5.83 15.78 -7.42
N ALA A 99 -6.77 16.59 -6.94
CA ALA A 99 -6.86 16.83 -5.52
C ALA A 99 -7.43 15.57 -4.86
N ALA A 100 -6.88 15.21 -3.70
CA ALA A 100 -7.33 14.03 -2.97
C ALA A 100 -6.58 13.86 -1.67
N TRP A 101 -7.24 13.24 -0.70
CA TRP A 101 -6.63 12.97 0.60
C TRP A 101 -6.56 11.46 0.81
N SER A 102 -6.75 10.73 -0.28
CA SER A 102 -6.69 9.27 -0.30
C SER A 102 -6.63 8.82 -1.75
N GLY A 103 -5.68 7.95 -2.09
CA GLY A 103 -5.60 7.55 -3.49
C GLY A 103 -5.01 6.21 -3.87
N SER A 104 -4.92 5.99 -5.18
CA SER A 104 -4.38 4.77 -5.74
C SER A 104 -4.21 4.98 -7.25
N ALA A 105 -3.56 4.04 -7.93
CA ALA A 105 -3.36 4.14 -9.37
C ALA A 105 -2.78 2.84 -9.90
N CYS A 106 -2.93 2.63 -11.20
CA CYS A 106 -2.41 1.43 -11.84
C CYS A 106 -2.38 1.63 -13.35
N HIS A 107 -1.50 0.92 -14.04
CA HIS A 107 -1.36 1.02 -15.49
C HIS A 107 -1.88 -0.24 -16.19
N ASP A 108 -2.94 -0.09 -16.99
CA ASP A 108 -3.54 -1.23 -17.69
C ASP A 108 -2.78 -1.72 -18.92
N GLY A 109 -1.62 -1.12 -19.19
CA GLY A 109 -0.84 -1.54 -20.35
C GLY A 109 -0.96 -0.54 -21.49
N ARG A 110 -1.90 0.40 -21.37
CA ARG A 110 -2.14 1.40 -22.38
C ARG A 110 -2.08 2.79 -21.77
N GLU A 111 -2.79 2.97 -20.67
CA GLU A 111 -2.83 4.25 -20.01
C GLU A 111 -2.86 4.13 -18.51
N TRP A 112 -2.59 5.24 -17.84
CA TRP A 112 -2.60 5.27 -16.40
C TRP A 112 -4.02 5.56 -15.89
N THR A 113 -4.37 4.91 -14.78
CA THR A 113 -5.65 5.15 -14.15
C THR A 113 -5.27 5.77 -12.81
N TYR A 114 -5.80 6.94 -12.52
CA TYR A 114 -5.50 7.62 -11.26
C TYR A 114 -6.79 7.69 -10.47
N ILE A 115 -6.71 7.33 -9.19
CA ILE A 115 -7.87 7.34 -8.30
C ILE A 115 -7.56 8.29 -7.16
N GLY A 116 -8.51 9.16 -6.85
CA GLY A 116 -8.33 10.10 -5.77
C GLY A 116 -9.62 10.26 -5.03
N VAL A 117 -9.52 10.59 -3.74
CA VAL A 117 -10.71 10.74 -2.92
C VAL A 117 -10.69 12.02 -2.12
N ASP A 118 -11.69 12.85 -2.31
CA ASP A 118 -11.81 14.08 -1.54
C ASP A 118 -13.26 14.46 -1.35
N GLY A 119 -13.50 15.51 -0.56
CA GLY A 119 -14.85 15.95 -0.28
C GLY A 119 -15.05 15.94 1.22
N PRO A 120 -16.29 16.12 1.72
CA PRO A 120 -16.50 16.11 3.16
C PRO A 120 -16.51 14.68 3.72
N ASP A 121 -16.10 14.53 4.97
CA ASP A 121 -16.05 13.22 5.59
C ASP A 121 -17.38 12.47 5.49
N ASN A 122 -18.48 13.20 5.68
CA ASN A 122 -19.81 12.58 5.65
C ASN A 122 -20.33 12.23 4.26
N ASP A 123 -19.65 12.67 3.22
CA ASP A 123 -20.10 12.38 1.87
C ASP A 123 -18.99 12.41 0.83
N ALA A 124 -17.78 12.06 1.26
CA ALA A 124 -16.62 12.04 0.37
C ALA A 124 -16.93 11.33 -0.95
N LEU A 125 -16.06 11.49 -1.95
CA LEU A 125 -16.30 10.88 -3.24
C LEU A 125 -15.02 10.44 -3.96
N VAL A 126 -15.12 9.32 -4.66
CA VAL A 126 -14.01 8.73 -5.40
C VAL A 126 -14.00 9.25 -6.83
N LYS A 127 -12.89 9.85 -7.25
CA LYS A 127 -12.78 10.36 -8.61
C LYS A 127 -11.84 9.48 -9.42
N ILE A 128 -12.23 9.16 -10.64
CA ILE A 128 -11.40 8.34 -11.48
C ILE A 128 -10.90 9.16 -12.66
N LYS A 129 -9.61 9.05 -12.94
CA LYS A 129 -9.02 9.77 -14.05
C LYS A 129 -8.27 8.77 -14.91
N TYR A 130 -8.51 8.83 -16.22
CA TYR A 130 -7.85 7.94 -17.17
C TYR A 130 -6.95 8.79 -18.04
N GLY A 131 -5.65 8.79 -17.74
CA GLY A 131 -4.74 9.61 -18.52
C GLY A 131 -5.02 11.06 -18.19
N GLU A 132 -5.46 11.83 -19.18
CA GLU A 132 -5.76 13.26 -18.98
C GLU A 132 -7.19 13.57 -18.59
N ALA A 133 -8.13 12.72 -18.98
CA ALA A 133 -9.54 12.96 -18.71
C ALA A 133 -10.12 12.40 -17.43
N TYR A 134 -10.92 13.23 -16.76
CA TYR A 134 -11.62 12.84 -15.55
C TYR A 134 -12.82 12.12 -16.17
N THR A 135 -13.08 10.89 -15.73
CA THR A 135 -14.13 10.12 -16.37
C THR A 135 -15.23 9.49 -15.53
N ASP A 136 -15.09 9.50 -14.22
CA ASP A 136 -16.13 8.89 -13.40
C ASP A 136 -15.91 9.13 -11.93
N THR A 137 -16.94 8.83 -11.15
CA THR A 137 -16.88 9.02 -9.72
C THR A 137 -17.65 7.91 -9.03
N TYR A 138 -17.61 7.92 -7.70
CA TYR A 138 -18.31 6.93 -6.90
C TYR A 138 -18.61 7.60 -5.57
N HIS A 139 -19.84 7.45 -5.07
CA HIS A 139 -20.21 8.11 -3.82
C HIS A 139 -20.10 7.26 -2.56
N SER A 140 -19.98 7.97 -1.44
CA SER A 140 -19.87 7.35 -0.12
C SER A 140 -21.18 6.64 0.18
N TYR A 141 -21.11 5.35 0.48
CA TYR A 141 -22.29 4.54 0.79
C TYR A 141 -22.56 4.41 2.28
N ALA A 142 -21.53 4.62 3.09
CA ALA A 142 -21.68 4.53 4.53
C ALA A 142 -21.49 5.91 5.15
N HIS A 143 -21.35 6.92 4.29
CA HIS A 143 -21.19 8.30 4.74
C HIS A 143 -20.28 8.49 5.93
N ASN A 144 -19.04 8.05 5.78
CA ASN A 144 -18.07 8.19 6.85
C ASN A 144 -16.68 7.97 6.30
N ILE A 145 -16.19 8.98 5.57
CA ILE A 145 -14.86 8.94 4.99
C ILE A 145 -14.65 7.84 3.97
N LEU A 146 -15.16 8.04 2.76
CA LEU A 146 -14.97 7.08 1.69
C LEU A 146 -13.47 7.10 1.47
N ARG A 147 -12.80 5.96 1.56
CA ARG A 147 -11.36 5.94 1.38
C ARG A 147 -10.95 4.79 0.50
N THR A 148 -9.71 4.83 0.00
CA THR A 148 -9.22 3.77 -0.86
C THR A 148 -7.94 3.12 -0.34
N GLN A 149 -7.30 2.31 -1.17
CA GLN A 149 -6.09 1.55 -0.76
C GLN A 149 -4.79 2.21 -0.34
N GLU A 150 -4.35 3.23 -1.07
CA GLU A 150 -3.05 3.89 -0.80
C GLU A 150 -1.97 2.99 -1.40
N SER A 151 -2.33 2.29 -2.47
CA SER A 151 -1.41 1.41 -3.19
C SER A 151 -1.97 1.03 -4.57
N ALA A 152 -1.08 0.63 -5.46
CA ALA A 152 -1.45 0.28 -6.83
C ALA A 152 -2.71 -0.57 -6.98
N CYS A 153 -3.64 -0.14 -7.84
CA CYS A 153 -4.82 -0.94 -8.10
C CYS A 153 -4.28 -1.99 -9.07
N ASN A 154 -5.04 -3.04 -9.34
CA ASN A 154 -4.56 -4.10 -10.23
C ASN A 154 -5.40 -4.27 -11.48
N CYS A 155 -4.74 -4.36 -12.63
CA CYS A 155 -5.44 -4.51 -13.90
C CYS A 155 -5.10 -5.84 -14.59
N ILE A 156 -6.01 -6.33 -15.42
CA ILE A 156 -5.82 -7.59 -16.14
C ILE A 156 -6.67 -7.59 -17.41
N GLY A 157 -6.03 -7.86 -18.55
CA GLY A 157 -6.76 -7.88 -19.81
C GLY A 157 -7.61 -6.64 -20.06
N GLY A 158 -7.32 -5.56 -19.33
CA GLY A 158 -8.07 -4.33 -19.53
C GLY A 158 -8.94 -3.91 -18.36
N ASP A 159 -9.31 -4.87 -17.51
CA ASP A 159 -10.14 -4.59 -16.36
C ASP A 159 -9.30 -4.37 -15.11
N CYS A 160 -9.54 -3.27 -14.42
CA CYS A 160 -8.81 -2.93 -13.21
C CYS A 160 -9.72 -3.03 -11.99
N TYR A 161 -9.23 -3.64 -10.92
CA TYR A 161 -10.00 -3.79 -9.70
C TYR A 161 -9.40 -2.91 -8.63
N LEU A 162 -10.26 -2.33 -7.80
CA LEU A 162 -9.82 -1.44 -6.72
C LEU A 162 -10.71 -1.57 -5.48
N MET A 163 -10.08 -1.71 -4.32
CA MET A 163 -10.84 -1.81 -3.08
C MET A 163 -11.08 -0.42 -2.51
N ILE A 164 -12.31 -0.16 -2.10
CA ILE A 164 -12.70 1.12 -1.50
C ILE A 164 -13.39 0.73 -0.20
N THR A 165 -13.45 1.65 0.75
CA THR A 165 -14.10 1.35 2.02
C THR A 165 -14.82 2.59 2.53
N ASP A 166 -15.81 2.38 3.39
CA ASP A 166 -16.59 3.48 3.96
C ASP A 166 -17.03 3.04 5.35
N GLY A 167 -16.79 3.88 6.35
CA GLY A 167 -17.19 3.52 7.70
C GLY A 167 -16.29 4.06 8.80
N SER A 168 -16.68 3.80 10.05
CA SER A 168 -15.92 4.27 11.20
C SER A 168 -14.59 3.54 11.34
N ALA A 169 -13.57 4.25 11.79
CA ALA A 169 -12.25 3.66 11.96
C ALA A 169 -12.32 2.65 13.10
N SER A 170 -13.14 2.95 14.11
CA SER A 170 -13.29 2.07 15.27
C SER A 170 -14.69 1.46 15.27
N GLY A 171 -15.10 0.91 14.13
CA GLY A 171 -16.43 0.31 14.03
C GLY A 171 -16.58 -0.50 12.77
N ILE A 172 -17.75 -0.42 12.15
CA ILE A 172 -18.00 -1.15 10.92
C ILE A 172 -17.44 -0.40 9.73
N SER A 173 -16.75 -1.14 8.86
CA SER A 173 -16.16 -0.58 7.66
C SER A 173 -16.16 -1.64 6.59
N LYS A 174 -17.34 -2.00 6.12
CA LYS A 174 -17.45 -3.01 5.06
C LYS A 174 -16.87 -2.44 3.79
N CYS A 175 -15.82 -3.06 3.30
CA CYS A 175 -15.16 -2.61 2.07
C CYS A 175 -15.92 -3.11 0.84
N ARG A 176 -15.60 -2.54 -0.31
CA ARG A 176 -16.21 -2.91 -1.58
C ARG A 176 -15.13 -2.93 -2.64
N PHE A 177 -15.44 -3.49 -3.79
CA PHE A 177 -14.48 -3.54 -4.87
C PHE A 177 -15.04 -2.96 -6.15
N LEU A 178 -14.25 -2.13 -6.81
CA LEU A 178 -14.66 -1.52 -8.06
C LEU A 178 -13.94 -2.17 -9.24
N LYS A 179 -14.68 -2.46 -10.30
CA LYS A 179 -14.11 -3.04 -11.50
C LYS A 179 -14.15 -1.96 -12.56
N ILE A 180 -13.01 -1.30 -12.74
CA ILE A 180 -12.87 -0.20 -13.68
C ILE A 180 -12.28 -0.61 -15.04
N ARG A 181 -12.85 -0.06 -16.10
CA ARG A 181 -12.35 -0.33 -17.44
C ARG A 181 -12.32 0.98 -18.23
N GLU A 182 -11.15 1.32 -18.74
CA GLU A 182 -10.97 2.53 -19.52
C GLU A 182 -11.48 3.77 -18.80
N GLY A 183 -11.35 3.79 -17.47
CA GLY A 183 -11.75 4.96 -16.70
C GLY A 183 -13.13 4.99 -16.07
N ARG A 184 -14.00 4.05 -16.42
CA ARG A 184 -15.34 4.04 -15.84
C ARG A 184 -15.70 2.75 -15.11
N ILE A 185 -16.32 2.91 -13.95
CA ILE A 185 -16.73 1.78 -13.13
C ILE A 185 -17.76 0.95 -13.89
N ILE A 186 -17.42 -0.28 -14.22
CA ILE A 186 -18.36 -1.12 -14.95
C ILE A 186 -18.99 -2.17 -14.06
N LYS A 187 -18.61 -2.17 -12.78
CA LYS A 187 -19.17 -3.12 -11.83
C LYS A 187 -18.80 -2.84 -10.38
N GLU A 188 -19.72 -3.22 -9.49
CA GLU A 188 -19.55 -3.04 -8.05
C GLU A 188 -19.63 -4.41 -7.42
N ILE A 189 -18.63 -4.77 -6.63
CA ILE A 189 -18.57 -6.07 -5.97
C ILE A 189 -18.70 -5.95 -4.45
N LEU A 190 -19.58 -6.77 -3.87
CA LEU A 190 -19.79 -6.78 -2.43
C LEU A 190 -19.15 -8.02 -1.81
N PRO A 191 -18.11 -7.84 -0.98
CA PRO A 191 -17.43 -8.96 -0.35
C PRO A 191 -18.29 -9.84 0.55
N THR A 192 -17.87 -11.10 0.66
CA THR A 192 -18.55 -12.14 1.45
C THR A 192 -17.63 -12.60 2.58
N GLY A 193 -18.19 -13.19 3.63
CA GLY A 193 -17.35 -13.66 4.73
C GLY A 193 -17.15 -12.63 5.82
N ARG A 194 -15.97 -12.59 6.44
CA ARG A 194 -15.73 -11.61 7.50
C ARG A 194 -15.61 -10.21 6.93
N VAL A 195 -16.69 -9.43 7.05
CA VAL A 195 -16.72 -8.10 6.49
C VAL A 195 -16.90 -6.97 7.50
N GLU A 196 -16.73 -7.27 8.79
CA GLU A 196 -16.91 -6.24 9.80
C GLU A 196 -16.08 -4.99 9.54
N HIS A 197 -14.78 -5.16 9.41
CA HIS A 197 -13.86 -4.04 9.17
C HIS A 197 -12.70 -4.46 8.26
N THR A 198 -12.62 -3.81 7.10
CA THR A 198 -11.58 -4.11 6.11
C THR A 198 -11.12 -2.85 5.39
N GLU A 199 -9.81 -2.60 5.37
CA GLU A 199 -9.35 -1.43 4.65
C GLU A 199 -7.86 -1.38 4.29
N GLU A 200 -7.48 -0.34 3.55
CA GLU A 200 -6.11 -0.13 3.10
C GLU A 200 -5.51 -1.41 2.50
N CYS A 201 -6.35 -2.18 1.84
CA CYS A 201 -5.94 -3.42 1.23
C CYS A 201 -4.78 -3.35 0.23
N THR A 202 -3.78 -4.20 0.44
CA THR A 202 -2.63 -4.28 -0.46
C THR A 202 -2.98 -5.50 -1.31
N CYS A 203 -3.28 -5.25 -2.58
CA CYS A 203 -3.68 -6.31 -3.48
C CYS A 203 -2.70 -6.64 -4.58
N GLY A 204 -2.80 -7.87 -5.09
CA GLY A 204 -1.92 -8.32 -6.16
C GLY A 204 -2.47 -9.58 -6.79
N PHE A 205 -1.95 -9.94 -7.95
CA PHE A 205 -2.41 -11.12 -8.67
C PHE A 205 -1.70 -12.39 -8.19
N ALA A 206 -2.47 -13.33 -7.64
CA ALA A 206 -1.88 -14.59 -7.20
C ALA A 206 -1.84 -15.45 -8.43
N SER A 207 -2.69 -15.09 -9.39
CA SER A 207 -2.79 -15.81 -10.65
C SER A 207 -3.74 -15.03 -11.56
N ASN A 208 -3.92 -15.55 -12.77
CA ASN A 208 -4.80 -14.94 -13.75
C ASN A 208 -6.27 -14.98 -13.30
N LYS A 209 -6.56 -15.79 -12.29
CA LYS A 209 -7.94 -15.89 -11.83
C LYS A 209 -8.19 -15.24 -10.48
N THR A 210 -7.17 -15.17 -9.64
CA THR A 210 -7.35 -14.60 -8.32
C THR A 210 -6.47 -13.42 -7.99
N ILE A 211 -7.09 -12.42 -7.36
CA ILE A 211 -6.40 -11.23 -6.89
C ILE A 211 -6.53 -11.32 -5.38
N GLU A 212 -5.41 -11.34 -4.67
CA GLU A 212 -5.46 -11.45 -3.22
C GLU A 212 -5.01 -10.16 -2.55
N CYS A 213 -5.54 -9.92 -1.35
CA CYS A 213 -5.19 -8.72 -0.61
C CYS A 213 -4.95 -8.99 0.87
N ALA A 214 -3.99 -8.29 1.45
CA ALA A 214 -3.72 -8.37 2.87
C ALA A 214 -4.24 -7.01 3.27
N CYS A 215 -5.10 -6.93 4.27
CA CYS A 215 -5.65 -5.62 4.64
C CYS A 215 -5.49 -5.19 6.07
N ARG A 216 -6.21 -4.15 6.44
CA ARG A 216 -6.13 -3.60 7.79
C ARG A 216 -7.48 -3.51 8.49
N ASP A 217 -7.60 -4.17 9.64
CA ASP A 217 -8.81 -4.06 10.45
C ASP A 217 -8.32 -3.12 11.53
N ASN A 218 -9.01 -2.00 11.69
CA ASN A 218 -8.60 -0.97 12.64
C ASN A 218 -9.22 -0.96 14.04
N SER A 219 -10.17 -1.83 14.33
CA SER A 219 -10.77 -1.78 15.65
C SER A 219 -11.10 -3.10 16.34
N TYR A 220 -10.86 -4.22 15.69
CA TYR A 220 -11.20 -5.50 16.30
C TYR A 220 -10.06 -6.51 16.52
N THR A 221 -9.19 -6.67 15.53
CA THR A 221 -8.13 -7.65 15.66
C THR A 221 -6.75 -7.23 15.17
N ALA A 222 -5.73 -7.89 15.70
CA ALA A 222 -4.37 -7.63 15.30
C ALA A 222 -4.11 -8.52 14.09
N LYS A 223 -5.04 -9.42 13.79
CA LYS A 223 -4.92 -10.29 12.63
C LYS A 223 -5.26 -9.45 11.40
N ARG A 224 -4.81 -9.87 10.23
CA ARG A 224 -5.07 -9.09 9.03
C ARG A 224 -6.16 -9.70 8.18
N PRO A 225 -7.23 -8.93 7.90
CA PRO A 225 -8.29 -9.47 7.06
C PRO A 225 -7.62 -9.78 5.72
N PHE A 226 -7.90 -10.96 5.17
CA PHE A 226 -7.30 -11.35 3.91
C PHE A 226 -8.36 -11.57 2.86
N VAL A 227 -8.28 -10.81 1.78
CA VAL A 227 -9.26 -10.91 0.71
C VAL A 227 -8.80 -11.83 -0.41
N LYS A 228 -9.75 -12.53 -1.01
CA LYS A 228 -9.49 -13.41 -2.14
C LYS A 228 -10.56 -12.96 -3.09
N LEU A 229 -10.18 -12.61 -4.31
CA LEU A 229 -11.14 -12.14 -5.30
C LEU A 229 -11.04 -12.90 -6.61
N ASN A 230 -12.12 -13.59 -6.98
CA ASN A 230 -12.12 -14.34 -8.22
C ASN A 230 -12.40 -13.36 -9.35
N VAL A 231 -11.51 -13.31 -10.33
CA VAL A 231 -11.66 -12.40 -11.46
C VAL A 231 -12.65 -12.93 -12.50
N GLU A 232 -12.82 -14.25 -12.55
CA GLU A 232 -13.73 -14.84 -13.52
C GLU A 232 -15.20 -14.69 -13.13
N THR A 233 -15.50 -14.93 -11.85
CA THR A 233 -16.88 -14.82 -11.39
C THR A 233 -17.13 -13.45 -10.76
N ASP A 234 -16.07 -12.64 -10.67
CA ASP A 234 -16.15 -11.30 -10.09
C ASP A 234 -16.83 -11.27 -8.73
N THR A 235 -16.48 -12.24 -7.89
CA THR A 235 -17.03 -12.34 -6.55
C THR A 235 -15.83 -12.29 -5.62
N ALA A 236 -16.03 -11.83 -4.39
CA ALA A 236 -14.93 -11.72 -3.44
C ALA A 236 -15.31 -12.09 -2.02
N GLU A 237 -14.46 -12.87 -1.36
CA GLU A 237 -14.71 -13.27 0.02
C GLU A 237 -13.55 -12.91 0.93
N ILE A 238 -13.87 -12.60 2.18
CA ILE A 238 -12.89 -12.22 3.18
C ILE A 238 -12.90 -13.13 4.40
N ARG A 239 -11.73 -13.35 4.96
CA ARG A 239 -11.54 -14.15 6.14
C ARG A 239 -10.25 -13.65 6.77
N LEU A 240 -10.13 -13.76 8.09
CA LEU A 240 -8.91 -13.32 8.79
C LEU A 240 -7.73 -14.25 8.55
N MET A 241 -6.52 -13.69 8.57
CA MET A 241 -5.30 -14.48 8.37
C MET A 241 -5.13 -15.39 9.58
N CYS A 242 -4.92 -16.69 9.34
CA CYS A 242 -4.77 -17.64 10.43
C CYS A 242 -3.38 -17.77 11.08
N THR A 243 -2.33 -17.31 10.40
CA THR A 243 -0.97 -17.41 10.97
C THR A 243 -0.84 -16.77 12.34
N LYS A 244 0.03 -17.33 13.17
CA LYS A 244 0.26 -16.80 14.50
C LYS A 244 1.23 -15.63 14.45
N THR A 245 1.76 -15.36 13.26
CA THR A 245 2.69 -14.24 13.09
C THR A 245 1.83 -13.04 12.69
N TYR A 246 1.18 -12.43 13.67
CA TYR A 246 0.30 -11.28 13.43
C TYR A 246 1.06 -10.17 12.72
N LEU A 247 0.53 -9.73 11.59
CA LEU A 247 1.16 -8.70 10.78
C LEU A 247 0.79 -7.27 11.15
N ASP A 248 -0.33 -7.10 11.84
CA ASP A 248 -0.77 -5.75 12.22
C ASP A 248 0.10 -5.18 13.32
N THR A 249 -0.17 -3.92 13.66
CA THR A 249 0.54 -3.17 14.71
C THR A 249 -0.46 -2.14 15.20
N PRO A 250 -0.74 -2.10 16.52
CA PRO A 250 -0.17 -2.97 17.55
C PRO A 250 -0.70 -4.39 17.45
N ARG A 251 -0.12 -5.26 18.27
CA ARG A 251 -0.49 -6.67 18.30
C ARG A 251 0.16 -7.28 19.54
N PRO A 252 -0.28 -8.47 19.94
CA PRO A 252 0.30 -9.13 21.12
C PRO A 252 1.35 -10.12 20.61
N ASP A 253 2.01 -10.85 21.52
CA ASP A 253 3.02 -11.82 21.14
C ASP A 253 2.43 -12.83 20.16
N ASP A 254 3.25 -13.31 19.23
CA ASP A 254 2.78 -14.27 18.24
C ASP A 254 2.14 -15.50 18.88
N GLY A 255 1.10 -16.01 18.25
CA GLY A 255 0.42 -17.20 18.74
C GLY A 255 -0.33 -17.03 20.04
N SER A 256 -0.37 -15.81 20.57
CA SER A 256 -1.06 -15.57 21.83
C SER A 256 -2.57 -15.43 21.68
N ILE A 257 -3.07 -15.36 20.45
CA ILE A 257 -4.52 -15.25 20.25
C ILE A 257 -5.06 -16.68 20.32
N ALA A 258 -5.74 -16.99 21.42
CA ALA A 258 -6.30 -18.32 21.63
C ALA A 258 -7.50 -18.55 20.72
N GLY A 259 -7.79 -19.81 20.44
CA GLY A 259 -8.95 -20.13 19.62
C GLY A 259 -8.60 -20.52 18.21
N PRO A 260 -9.60 -20.67 17.32
CA PRO A 260 -9.34 -21.05 15.94
C PRO A 260 -9.05 -19.84 15.04
N CYS A 261 -8.63 -20.12 13.81
CA CYS A 261 -8.30 -19.08 12.84
C CYS A 261 -9.14 -17.82 12.95
N GLU A 262 -10.45 -17.98 12.97
CA GLU A 262 -11.40 -16.87 13.01
C GLU A 262 -11.48 -16.01 14.26
N SER A 263 -10.91 -16.45 15.37
CA SER A 263 -10.98 -15.65 16.59
C SER A 263 -10.26 -14.31 16.44
N ASN A 264 -10.92 -13.23 16.84
CA ASN A 264 -10.34 -11.89 16.73
C ASN A 264 -9.30 -11.59 17.81
N GLY A 265 -9.60 -11.99 19.04
CA GLY A 265 -8.71 -11.73 20.15
C GLY A 265 -9.00 -10.34 20.66
N ASP A 266 -8.09 -9.79 21.46
CA ASP A 266 -8.29 -8.44 21.98
C ASP A 266 -8.34 -7.48 20.78
N LYS A 267 -9.10 -6.39 20.94
CA LYS A 267 -9.25 -5.39 19.89
C LYS A 267 -7.92 -4.85 19.36
N TRP A 268 -7.10 -4.33 20.27
CA TRP A 268 -5.81 -3.77 19.89
C TRP A 268 -6.11 -2.63 18.93
N LEU A 269 -7.07 -1.80 19.35
CA LEU A 269 -7.53 -0.65 18.59
C LEU A 269 -6.44 -0.02 17.74
N GLY A 270 -6.71 0.05 16.45
CA GLY A 270 -5.75 0.63 15.53
C GLY A 270 -5.12 -0.43 14.66
N GLY A 271 -4.17 0.01 13.84
CA GLY A 271 -3.49 -0.91 12.95
C GLY A 271 -2.49 -0.17 12.08
N ILE A 272 -2.29 -0.68 10.87
CA ILE A 272 -1.36 -0.09 9.93
C ILE A 272 -1.45 -0.83 8.60
N LYS A 273 -1.14 -0.14 7.51
CA LYS A 273 -1.15 -0.77 6.20
C LYS A 273 0.13 -1.61 6.13
N GLY A 274 0.02 -2.82 5.62
CA GLY A 274 1.20 -3.67 5.52
C GLY A 274 1.52 -4.05 4.09
N GLY A 275 2.79 -4.34 3.85
CA GLY A 275 3.22 -4.73 2.52
C GLY A 275 2.79 -6.15 2.24
N PHE A 276 2.70 -6.50 0.96
CA PHE A 276 2.30 -7.84 0.59
C PHE A 276 2.45 -7.97 -0.92
N VAL A 277 3.18 -8.99 -1.35
CA VAL A 277 3.38 -9.19 -2.78
C VAL A 277 3.51 -10.68 -3.09
N HIS A 278 3.26 -11.06 -4.34
CA HIS A 278 3.33 -12.46 -4.72
C HIS A 278 4.58 -12.85 -5.49
N GLN A 279 4.92 -14.13 -5.40
CA GLN A 279 6.05 -14.71 -6.10
C GLN A 279 5.46 -15.91 -6.84
N ARG A 280 4.96 -15.67 -8.05
CA ARG A 280 4.35 -16.73 -8.84
C ARG A 280 5.36 -17.65 -9.51
N MET A 281 5.36 -18.91 -9.12
CA MET A 281 6.24 -19.89 -9.74
C MET A 281 5.35 -20.80 -10.57
N ALA A 282 5.96 -21.73 -11.30
CA ALA A 282 5.20 -22.65 -12.14
C ALA A 282 4.22 -23.51 -11.35
N SER A 283 4.66 -24.03 -10.21
CA SER A 283 3.83 -24.89 -9.38
C SER A 283 3.98 -24.60 -7.90
N LYS A 284 4.21 -23.34 -7.57
CA LYS A 284 4.36 -22.94 -6.17
C LYS A 284 3.99 -21.48 -6.07
N ILE A 285 3.69 -21.03 -4.86
CA ILE A 285 3.30 -19.65 -4.69
C ILE A 285 3.91 -19.03 -3.46
N GLY A 286 4.80 -18.06 -3.68
CA GLY A 286 5.42 -17.38 -2.55
C GLY A 286 4.57 -16.19 -2.18
N ARG A 287 4.35 -16.00 -0.89
CA ARG A 287 3.58 -14.86 -0.40
C ARG A 287 4.44 -14.09 0.59
N TRP A 288 4.90 -12.91 0.18
CA TRP A 288 5.75 -12.08 1.03
C TRP A 288 4.98 -11.02 1.79
N TYR A 289 5.25 -10.90 3.09
CA TYR A 289 4.60 -9.90 3.94
C TYR A 289 5.64 -9.12 4.71
N SER A 290 5.30 -7.89 5.07
CA SER A 290 6.20 -7.08 5.86
C SER A 290 5.39 -6.65 7.09
N ARG A 291 6.10 -6.35 8.19
CA ARG A 291 5.43 -5.92 9.41
C ARG A 291 6.46 -5.21 10.28
N THR A 292 6.04 -4.16 10.96
CA THR A 292 6.96 -3.43 11.81
C THR A 292 7.58 -4.35 12.86
N MET A 293 8.69 -3.90 13.43
CA MET A 293 9.38 -4.67 14.46
C MET A 293 8.69 -4.50 15.81
N SER A 294 8.68 -3.29 16.35
CA SER A 294 8.03 -3.04 17.63
C SER A 294 6.60 -3.55 17.51
N LYS A 295 6.15 -4.28 18.54
CA LYS A 295 4.79 -4.84 18.55
C LYS A 295 3.74 -3.77 18.77
N THR A 296 4.16 -2.62 19.29
CA THR A 296 3.21 -1.56 19.58
C THR A 296 3.43 -0.27 18.80
N ASN A 297 4.63 -0.09 18.25
CA ASN A 297 4.93 1.14 17.52
C ASN A 297 5.42 0.92 16.09
N ARG A 298 5.52 2.02 15.34
CA ARG A 298 5.97 1.96 13.95
C ARG A 298 7.46 2.17 13.83
N MET A 299 8.23 1.21 14.36
CA MET A 299 9.67 1.25 14.32
C MET A 299 10.18 -0.06 13.73
N GLY A 300 11.15 0.03 12.83
CA GLY A 300 11.70 -1.16 12.21
C GLY A 300 10.69 -1.82 11.28
N MET A 301 11.16 -2.78 10.48
CA MET A 301 10.31 -3.51 9.54
C MET A 301 11.04 -4.77 9.08
N GLU A 302 10.39 -5.93 9.24
CA GLU A 302 11.02 -7.16 8.81
C GLU A 302 10.23 -7.80 7.69
N LEU A 303 10.92 -8.60 6.88
CA LEU A 303 10.30 -9.30 5.76
C LEU A 303 9.98 -10.73 6.18
N TYR A 304 8.84 -11.24 5.71
CA TYR A 304 8.40 -12.59 6.00
C TYR A 304 7.97 -13.27 4.70
N VAL A 305 8.11 -14.59 4.61
CA VAL A 305 7.69 -15.34 3.43
C VAL A 305 7.01 -16.62 3.84
N ARG A 306 6.19 -17.14 2.95
CA ARG A 306 5.48 -18.38 3.20
C ARG A 306 5.02 -18.91 1.85
N TYR A 307 5.57 -20.04 1.42
CA TYR A 307 5.19 -20.62 0.13
C TYR A 307 4.02 -21.58 0.25
N ASP A 308 3.06 -21.43 -0.66
CA ASP A 308 1.89 -22.29 -0.69
C ASP A 308 1.07 -22.26 0.60
N GLY A 309 -0.03 -23.01 0.60
CA GLY A 309 -0.90 -23.04 1.75
C GLY A 309 -2.05 -22.07 1.58
N ASP A 310 -2.99 -22.10 2.52
CA ASP A 310 -4.16 -21.22 2.51
C ASP A 310 -4.05 -20.29 3.73
N PRO A 311 -3.65 -19.02 3.51
CA PRO A 311 -3.52 -18.08 4.62
C PRO A 311 -4.73 -18.03 5.53
N TRP A 312 -5.87 -18.44 4.98
CA TRP A 312 -7.11 -18.43 5.74
C TRP A 312 -7.17 -19.49 6.84
N THR A 313 -6.49 -20.62 6.64
CA THR A 313 -6.51 -21.70 7.62
C THR A 313 -5.17 -22.28 8.04
N ASP A 314 -4.06 -21.58 7.79
CA ASP A 314 -2.75 -22.09 8.17
C ASP A 314 -2.20 -21.27 9.33
N SER A 315 -2.05 -21.90 10.49
CA SER A 315 -1.57 -21.19 11.68
C SER A 315 -0.05 -21.26 11.87
N ASP A 316 0.63 -22.07 11.06
CA ASP A 316 2.07 -22.18 11.18
C ASP A 316 2.65 -20.78 11.01
N ALA A 317 3.50 -20.37 11.94
CA ALA A 317 4.12 -19.05 11.87
C ALA A 317 4.84 -18.88 10.53
N LEU A 318 4.97 -17.62 10.12
CA LEU A 318 5.64 -17.28 8.87
C LEU A 318 7.16 -17.43 9.04
N THR A 319 7.86 -17.57 7.92
CA THR A 319 9.32 -17.70 7.93
C THR A 319 9.97 -16.33 7.91
N LEU A 320 10.62 -15.94 8.99
CA LEU A 320 11.30 -14.66 9.05
C LEU A 320 12.27 -14.63 7.88
N SER A 321 12.34 -13.50 7.19
CA SER A 321 13.21 -13.42 6.04
C SER A 321 14.21 -12.25 6.03
N GLY A 322 14.25 -11.48 7.12
CA GLY A 322 15.19 -10.38 7.16
C GLY A 322 14.71 -9.07 7.74
N VAL A 323 15.68 -8.25 8.14
CA VAL A 323 15.41 -6.94 8.71
C VAL A 323 15.64 -5.86 7.66
N MET A 324 14.55 -5.35 7.10
CA MET A 324 14.61 -4.31 6.10
C MET A 324 14.90 -2.97 6.78
N VAL A 325 14.38 -2.81 8.00
CA VAL A 325 14.59 -1.59 8.78
C VAL A 325 14.74 -1.94 10.26
N SER A 326 15.72 -1.34 10.92
CA SER A 326 15.96 -1.60 12.33
C SER A 326 14.96 -0.85 13.21
N ILE A 327 14.71 -1.37 14.41
CA ILE A 327 13.77 -0.75 15.34
C ILE A 327 14.23 0.63 15.80
N GLU A 328 15.34 1.10 15.25
CA GLU A 328 15.82 2.42 15.61
C GLU A 328 15.39 3.42 14.54
N GLU A 329 14.89 2.90 13.43
CA GLU A 329 14.41 3.72 12.33
C GLU A 329 12.90 3.59 12.29
N PRO A 330 12.21 4.55 11.66
CA PRO A 330 10.74 4.47 11.60
C PRO A 330 10.27 3.59 10.46
N GLY A 331 9.27 2.77 10.74
CA GLY A 331 8.70 1.92 9.72
C GLY A 331 7.19 2.07 9.78
N TRP A 332 6.63 2.78 8.80
CA TRP A 332 5.18 2.99 8.74
C TRP A 332 4.51 2.17 7.64
N TYR A 333 3.74 2.80 6.77
CA TYR A 333 3.07 2.03 5.72
C TYR A 333 4.03 1.29 4.82
N SER A 334 3.72 0.04 4.50
CA SER A 334 4.52 -0.75 3.58
C SER A 334 3.53 -1.22 2.53
N PHE A 335 4.00 -1.41 1.31
CA PHE A 335 3.12 -1.84 0.22
C PHE A 335 3.91 -2.73 -0.70
N GLY A 336 3.22 -3.37 -1.64
CA GLY A 336 3.90 -4.22 -2.57
C GLY A 336 3.60 -3.75 -3.98
N PHE A 337 4.52 -4.02 -4.91
CA PHE A 337 4.33 -3.67 -6.30
C PHE A 337 5.19 -4.59 -7.15
N GLU A 338 5.00 -4.56 -8.46
CA GLU A 338 5.77 -5.41 -9.34
C GLU A 338 6.34 -4.67 -10.55
N ILE A 339 7.64 -4.86 -10.77
CA ILE A 339 8.33 -4.26 -11.90
C ILE A 339 8.21 -5.24 -13.04
N LYS A 340 8.06 -4.76 -14.26
CA LYS A 340 7.92 -5.66 -15.40
C LYS A 340 9.18 -5.79 -16.23
N ASP A 341 9.83 -6.94 -16.14
CA ASP A 341 11.05 -7.20 -16.92
C ASP A 341 10.61 -7.68 -18.31
N LYS A 342 11.58 -8.05 -19.15
CA LYS A 342 11.29 -8.49 -20.50
C LYS A 342 10.35 -9.69 -20.63
N LYS A 343 10.52 -10.70 -19.77
CA LYS A 343 9.67 -11.88 -19.87
C LYS A 343 9.04 -12.36 -18.56
N CYS A 344 9.28 -11.63 -17.48
CA CYS A 344 8.75 -12.03 -16.17
C CYS A 344 8.53 -10.83 -15.26
N ASP A 345 7.79 -11.03 -14.18
CA ASP A 345 7.53 -9.94 -13.26
C ASP A 345 8.41 -10.01 -12.02
N VAL A 346 8.78 -8.84 -11.50
CA VAL A 346 9.66 -8.76 -10.33
C VAL A 346 8.96 -8.11 -9.14
N PRO A 347 8.59 -8.92 -8.12
CA PRO A 347 7.91 -8.42 -6.93
C PRO A 347 8.80 -7.57 -6.01
N CYS A 348 8.23 -6.50 -5.46
CA CYS A 348 8.99 -5.63 -4.57
C CYS A 348 8.14 -5.20 -3.38
N ILE A 349 8.77 -4.58 -2.39
CA ILE A 349 8.06 -4.11 -1.21
C ILE A 349 8.55 -2.72 -0.83
N GLY A 350 7.64 -1.76 -0.84
CA GLY A 350 7.99 -0.39 -0.48
C GLY A 350 7.78 -0.15 1.01
N ILE A 351 8.49 0.81 1.57
CA ILE A 351 8.36 1.09 3.00
C ILE A 351 8.38 2.59 3.29
N GLU A 352 7.23 3.15 3.64
CA GLU A 352 7.17 4.56 3.96
C GLU A 352 7.88 4.77 5.30
N MET A 353 8.88 5.63 5.33
CA MET A 353 9.62 5.90 6.55
C MET A 353 9.35 7.33 6.95
N VAL A 354 8.34 7.50 7.79
CA VAL A 354 7.92 8.82 8.24
C VAL A 354 8.85 9.53 9.20
N HIS A 355 9.06 10.82 8.93
CA HIS A 355 9.90 11.67 9.76
C HIS A 355 8.97 12.39 10.71
N ASP A 356 8.48 11.68 11.73
CA ASP A 356 7.59 12.31 12.69
C ASP A 356 8.41 13.02 13.73
N GLY A 357 8.22 14.32 13.85
CA GLY A 357 8.97 15.08 14.83
C GLY A 357 8.05 15.81 15.79
N GLY A 358 6.77 15.48 15.74
CA GLY A 358 5.81 16.13 16.61
C GLY A 358 4.75 16.90 15.85
N LYS A 359 3.99 17.71 16.57
CA LYS A 359 2.91 18.48 15.96
C LYS A 359 3.35 19.91 15.64
N ASP A 360 4.51 20.30 16.16
CA ASP A 360 5.03 21.65 15.96
C ASP A 360 6.13 21.77 14.90
N THR A 361 6.03 20.96 13.85
CA THR A 361 7.01 20.99 12.77
C THR A 361 6.48 20.22 11.57
N TRP A 362 7.32 20.03 10.56
CA TRP A 362 6.89 19.31 9.37
C TRP A 362 6.79 17.81 9.62
N HIS A 363 6.08 17.12 8.73
CA HIS A 363 5.81 15.70 8.85
C HIS A 363 5.82 15.09 7.44
N SER A 364 6.92 14.45 7.07
CA SER A 364 7.00 13.86 5.73
C SER A 364 7.58 12.46 5.78
N ALA A 365 7.84 11.86 4.62
CA ALA A 365 8.37 10.50 4.60
C ALA A 365 9.26 10.11 3.43
N ALA A 366 10.21 9.22 3.71
CA ALA A 366 11.09 8.69 2.67
C ALA A 366 10.39 7.42 2.24
N THR A 367 10.95 6.77 1.23
CA THR A 367 10.40 5.53 0.71
C THR A 367 11.57 4.59 0.48
N ALA A 368 11.58 3.45 1.18
CA ALA A 368 12.65 2.46 1.02
C ALA A 368 12.18 1.29 0.14
N ILE A 369 13.03 0.81 -0.75
CA ILE A 369 12.66 -0.27 -1.67
C ILE A 369 13.49 -1.56 -1.58
N TYR A 370 12.80 -2.70 -1.59
CA TYR A 370 13.43 -4.01 -1.53
C TYR A 370 12.75 -4.89 -2.57
N CYS A 371 13.53 -5.52 -3.43
CA CYS A 371 12.97 -6.37 -4.47
C CYS A 371 13.61 -7.77 -4.48
N LEU A 372 12.99 -8.67 -5.25
CA LEU A 372 13.45 -10.05 -5.38
C LEU A 372 14.61 -10.08 -6.38
N MET A 373 15.78 -10.45 -5.90
CA MET A 373 16.95 -10.53 -6.77
C MET A 373 17.99 -11.48 -6.19
N GLY A 374 18.28 -12.54 -6.94
CA GLY A 374 19.28 -13.51 -6.53
C GLY A 374 18.85 -14.49 -5.46
N SER A 375 19.82 -15.02 -4.74
CA SER A 375 19.55 -15.98 -3.69
C SER A 375 20.31 -15.61 -2.43
N GLY A 376 20.17 -16.42 -1.40
CA GLY A 376 20.85 -16.14 -0.16
C GLY A 376 19.89 -15.50 0.81
N GLN A 377 20.33 -14.44 1.48
CA GLN A 377 19.47 -13.78 2.44
C GLN A 377 19.61 -12.26 2.39
N LEU A 378 18.55 -11.58 2.80
CA LEU A 378 18.55 -10.12 2.85
C LEU A 378 19.83 -9.74 3.59
N LEU A 379 20.68 -8.95 2.94
CA LEU A 379 21.94 -8.55 3.52
C LEU A 379 22.00 -7.22 4.26
N TRP A 380 21.31 -6.21 3.74
CA TRP A 380 21.38 -4.89 4.36
C TRP A 380 20.07 -4.14 4.64
N ASP A 381 20.07 -3.38 5.73
CA ASP A 381 18.91 -2.60 6.14
C ASP A 381 18.96 -1.16 5.59
N THR A 382 17.88 -0.42 5.81
CA THR A 382 17.79 0.95 5.32
C THR A 382 17.62 2.02 6.39
N VAL A 383 18.28 3.15 6.17
CA VAL A 383 18.21 4.30 7.07
C VAL A 383 17.77 5.52 6.25
N THR A 384 17.33 6.59 6.90
CA THR A 384 16.91 7.77 6.15
C THR A 384 18.01 8.83 6.10
N GLY A 385 18.91 8.80 7.08
CA GLY A 385 20.00 9.76 7.13
C GLY A 385 19.53 11.20 7.29
N VAL A 386 18.24 11.37 7.55
CA VAL A 386 17.67 12.71 7.68
C VAL A 386 17.64 13.22 9.13
N ASP A 387 18.07 14.46 9.31
CA ASP A 387 18.05 15.08 10.63
C ASP A 387 16.99 16.18 10.57
N MET A 388 15.93 16.01 11.36
CA MET A 388 14.84 16.97 11.38
C MET A 388 15.14 18.33 12.00
N ALA A 389 16.39 18.58 12.36
CA ALA A 389 16.73 19.87 12.94
C ALA A 389 17.32 20.80 11.89
N LEU A 390 17.65 20.24 10.73
CA LEU A 390 18.23 21.03 9.65
C LEU A 390 17.16 21.62 8.73
#